data_8WLM
#
_entry.id   8WLM
#
_cell.length_a   1.00
_cell.length_b   1.00
_cell.length_c   1.00
_cell.angle_alpha   90.00
_cell.angle_beta   90.00
_cell.angle_gamma   90.00
#
_symmetry.space_group_name_H-M   'P 1'
#
loop_
_entity.id
_entity.type
_entity.pdbx_description
1 polymer 'Synaptic vesicular amine transporter'
2 non-polymer SEROTONIN
#
_entity_poly.entity_id   1
_entity_poly.type   'polypeptide(L)'
_entity_poly.pdbx_seq_one_letter_code
;MALSELALVRWLQESRRSRKLILFIVFLALLLDNMLLTVVVPIIPSYLYSIKHEKNATEIQTARPVHTASISDSFQSIFS
YYDNSTMVTGNATRDLTLHQTATQHMVTNASAVPSDCPSEDKDLLNENVQVGLLFASKATVQLITNPFIGLLTNRIGYPI
PIFAGFCIMFVSTIMFAFSSSYAFLLIARSLQGIGSSCSSVAGMGMLASVYTDDEERGNVMGIALGGLAMGVLVGPPFGS
VLYEFVGKTAPFLVLAALVLLDGAIQLFVLQPSRVQPESQKGTPLTTLLKDPYILIAAGSICFANMGIAMLEPALPIWMM
ETMCSRKWQLGVAFLPASISYLIGTNIFGILAHKMGRWLCALLGMIIVGVSILCIPFAKNIYGLIAPNFGVGFAIGMVDS
SMMPIMGYLVDLRHVSVYGSVYAIADVAFCMGYAIGPSAGGAIAKAIGFPWLMTIIGIIDILFAPLCFFLRSPPSRLEEE
LRRRTEGGSSDLEVLFQ
;
_entity_poly.pdbx_strand_id   A
#
loop_
_chem_comp.id
_chem_comp.type
_chem_comp.name
_chem_comp.formula
SRO non-polymer SEROTONIN 'C10 H12 N2 O'
#
# COMPACT_ATOMS: atom_id res chain seq x y z
N SER A 15 -13.51 -5.99 -26.68
CA SER A 15 -12.17 -6.10 -27.24
C SER A 15 -11.59 -7.49 -27.02
N ARG A 16 -10.48 -7.78 -27.71
CA ARG A 16 -9.84 -9.09 -27.61
C ARG A 16 -9.01 -9.16 -26.33
N ARG A 17 -9.57 -9.83 -25.32
CA ARG A 17 -8.91 -10.14 -24.05
C ARG A 17 -8.71 -8.89 -23.18
N SER A 18 -8.99 -7.71 -23.73
CA SER A 18 -9.04 -6.45 -22.99
C SER A 18 -7.82 -6.27 -22.08
N ARG A 19 -6.65 -6.14 -22.71
CA ARG A 19 -5.40 -6.14 -21.96
C ARG A 19 -5.35 -5.01 -20.94
N LYS A 20 -5.77 -3.81 -21.32
CA LYS A 20 -5.78 -2.70 -20.38
C LYS A 20 -6.84 -2.85 -19.30
N LEU A 21 -7.83 -3.72 -19.52
CA LEU A 21 -8.87 -3.89 -18.51
C LEU A 21 -8.31 -4.58 -17.27
N ILE A 22 -7.26 -5.40 -17.41
CA ILE A 22 -6.60 -5.95 -16.24
C ILE A 22 -5.99 -4.83 -15.40
N LEU A 23 -5.34 -3.88 -16.06
CA LEU A 23 -4.83 -2.70 -15.37
C LEU A 23 -5.97 -1.98 -14.66
N PHE A 24 -7.09 -1.81 -15.35
CA PHE A 24 -8.22 -1.09 -14.75
C PHE A 24 -8.74 -1.81 -13.51
N ILE A 25 -8.83 -3.14 -13.57
CA ILE A 25 -9.37 -3.89 -12.45
C ILE A 25 -8.42 -3.85 -11.27
N VAL A 26 -7.12 -3.99 -11.51
CA VAL A 26 -6.16 -3.90 -10.41
C VAL A 26 -6.20 -2.50 -9.79
N PHE A 27 -6.25 -1.46 -10.64
CA PHE A 27 -6.30 -0.09 -10.16
C PHE A 27 -7.52 0.13 -9.27
N LEU A 28 -8.69 -0.31 -9.74
CA LEU A 28 -9.91 -0.07 -8.98
C LEU A 28 -9.97 -0.94 -7.73
N ALA A 29 -9.38 -2.14 -7.78
CA ALA A 29 -9.32 -2.98 -6.58
C ALA A 29 -8.47 -2.33 -5.50
N LEU A 30 -7.31 -1.79 -5.87
CA LEU A 30 -6.51 -1.05 -4.89
C LEU A 30 -7.23 0.20 -4.43
N LEU A 31 -7.95 0.86 -5.34
CA LEU A 31 -8.72 2.05 -4.97
C LEU A 31 -9.72 1.73 -3.87
N LEU A 32 -10.54 0.70 -4.07
CA LEU A 32 -11.55 0.35 -3.07
C LEU A 32 -10.91 -0.22 -1.81
N ASP A 33 -9.79 -0.94 -1.94
CA ASP A 33 -9.09 -1.40 -0.75
C ASP A 33 -8.69 -0.23 0.13
N ASN A 34 -8.15 0.83 -0.48
CA ASN A 34 -7.78 2.00 0.31
C ASN A 34 -8.99 2.79 0.80
N MET A 35 -10.09 2.76 0.04
CA MET A 35 -11.33 3.35 0.55
C MET A 35 -11.77 2.68 1.83
N LEU A 36 -11.73 1.35 1.88
CA LEU A 36 -12.00 0.67 3.14
C LEU A 36 -10.97 1.03 4.20
N LEU A 37 -9.69 1.07 3.80
CA LEU A 37 -8.62 1.28 4.77
C LEU A 37 -8.65 2.68 5.38
N THR A 38 -9.31 3.63 4.74
CA THR A 38 -9.33 5.02 5.21
C THR A 38 -10.66 5.44 5.82
N VAL A 39 -11.79 5.04 5.23
CA VAL A 39 -13.09 5.43 5.77
C VAL A 39 -13.34 4.83 7.14
N VAL A 40 -12.57 3.78 7.50
CA VAL A 40 -12.68 3.15 8.80
C VAL A 40 -12.18 4.06 9.92
N VAL A 41 -11.35 5.05 9.60
CA VAL A 41 -10.69 5.84 10.64
C VAL A 41 -11.68 6.60 11.53
N PRO A 42 -12.65 7.36 10.99
CA PRO A 42 -13.57 8.06 11.90
C PRO A 42 -14.70 7.17 12.38
N ILE A 43 -14.88 6.01 11.75
CA ILE A 43 -15.96 5.11 12.14
C ILE A 43 -15.55 4.26 13.33
N ILE A 44 -14.25 3.98 13.49
CA ILE A 44 -13.79 3.16 14.62
C ILE A 44 -14.16 3.77 15.96
N PRO A 45 -13.89 5.04 16.26
CA PRO A 45 -14.30 5.57 17.57
C PRO A 45 -15.80 5.57 17.78
N SER A 46 -16.58 5.83 16.74
CA SER A 46 -18.03 5.82 16.88
C SER A 46 -18.55 4.43 17.18
N TYR A 47 -18.01 3.41 16.51
CA TYR A 47 -18.44 2.04 16.76
C TYR A 47 -17.98 1.56 18.13
N LEU A 48 -16.78 1.97 18.55
CA LEU A 48 -16.27 1.55 19.86
C LEU A 48 -17.12 2.13 20.98
N TYR A 49 -17.50 3.40 20.89
CA TYR A 49 -18.33 4.00 21.93
C TYR A 49 -19.72 3.38 21.95
N SER A 50 -20.29 3.12 20.78
CA SER A 50 -21.62 2.53 20.70
C SER A 50 -21.53 1.04 20.37
N VAL A 129 -4.80 1.80 25.18
CA VAL A 129 -5.78 2.10 24.16
C VAL A 129 -5.96 0.91 23.23
N GLN A 130 -7.09 0.89 22.52
CA GLN A 130 -7.38 -0.17 21.55
C GLN A 130 -7.88 0.39 20.22
N VAL A 131 -7.81 1.70 20.01
CA VAL A 131 -8.31 2.28 18.77
C VAL A 131 -7.45 1.87 17.58
N GLY A 132 -6.12 1.83 17.78
CA GLY A 132 -5.23 1.40 16.72
C GLY A 132 -5.03 -0.10 16.63
N LEU A 133 -5.58 -0.86 17.57
CA LEU A 133 -5.42 -2.30 17.55
C LEU A 133 -6.07 -2.93 16.32
N LEU A 134 -7.15 -2.33 15.82
CA LEU A 134 -7.80 -2.85 14.61
C LEU A 134 -6.86 -2.75 13.41
N PHE A 135 -6.17 -1.62 13.27
CA PHE A 135 -5.25 -1.45 12.15
C PHE A 135 -4.12 -2.45 12.22
N ALA A 136 -3.54 -2.63 13.42
CA ALA A 136 -2.46 -3.59 13.59
C ALA A 136 -2.95 -5.01 13.32
N SER A 137 -4.17 -5.33 13.75
CA SER A 137 -4.72 -6.67 13.51
C SER A 137 -4.89 -6.91 12.01
N LYS A 138 -5.42 -5.93 11.29
CA LYS A 138 -5.58 -6.08 9.85
C LYS A 138 -4.24 -6.25 9.16
N ALA A 139 -3.26 -5.44 9.54
CA ALA A 139 -1.95 -5.54 8.89
C ALA A 139 -1.26 -6.85 9.23
N THR A 140 -1.42 -7.36 10.45
CA THR A 140 -0.78 -8.62 10.81
C THR A 140 -1.44 -9.80 10.08
N VAL A 141 -2.77 -9.77 9.96
CA VAL A 141 -3.44 -10.80 9.15
C VAL A 141 -2.96 -10.72 7.71
N GLN A 142 -2.82 -9.50 7.19
CA GLN A 142 -2.31 -9.28 5.84
C GLN A 142 -0.93 -9.93 5.68
N LEU A 143 -0.03 -9.63 6.64
CA LEU A 143 1.33 -10.15 6.61
C LEU A 143 1.37 -11.66 6.63
N ILE A 144 0.58 -12.26 7.51
CA ILE A 144 0.54 -13.72 7.59
C ILE A 144 0.01 -14.31 6.29
N THR A 145 -0.92 -13.60 5.65
CA THR A 145 -1.62 -14.20 4.52
C THR A 145 -0.84 -14.07 3.21
N ASN A 146 0.00 -13.05 3.06
CA ASN A 146 0.68 -12.83 1.79
C ASN A 146 1.46 -14.03 1.26
N PRO A 147 2.33 -14.71 2.03
CA PRO A 147 3.08 -15.83 1.44
C PRO A 147 2.19 -16.98 0.99
N PHE A 148 1.13 -17.27 1.73
CA PHE A 148 0.22 -18.34 1.34
C PHE A 148 -0.48 -18.01 0.03
N ILE A 149 -0.91 -16.75 -0.13
CA ILE A 149 -1.51 -16.34 -1.40
C ILE A 149 -0.48 -16.37 -2.52
N GLY A 150 0.78 -16.04 -2.22
CA GLY A 150 1.81 -16.11 -3.23
C GLY A 150 2.02 -17.53 -3.74
N LEU A 151 2.01 -18.50 -2.84
CA LEU A 151 2.10 -19.90 -3.26
C LEU A 151 0.82 -20.34 -3.98
N LEU A 152 -0.33 -19.88 -3.51
CA LEU A 152 -1.60 -20.32 -4.06
C LEU A 152 -1.79 -19.81 -5.49
N THR A 153 -1.34 -18.58 -5.76
CA THR A 153 -1.63 -17.95 -7.03
C THR A 153 -0.87 -18.57 -8.20
N ASN A 154 0.25 -19.24 -7.95
CA ASN A 154 0.85 -20.06 -8.99
C ASN A 154 0.56 -21.54 -8.81
N ARG A 155 0.00 -21.94 -7.67
CA ARG A 155 -0.50 -23.30 -7.53
C ARG A 155 -1.71 -23.54 -8.44
N ILE A 156 -2.65 -22.60 -8.49
CA ILE A 156 -3.89 -22.84 -9.22
C ILE A 156 -4.10 -21.83 -10.34
N GLY A 157 -3.53 -20.64 -10.20
CA GLY A 157 -3.73 -19.62 -11.21
C GLY A 157 -3.99 -18.23 -10.65
N TYR A 158 -3.99 -17.22 -11.53
CA TYR A 158 -4.14 -15.82 -11.15
C TYR A 158 -5.57 -15.35 -10.94
N PRO A 159 -6.53 -15.63 -11.84
CA PRO A 159 -7.87 -15.01 -11.67
C PRO A 159 -8.63 -15.50 -10.46
N ILE A 160 -8.40 -16.74 -10.02
CA ILE A 160 -9.16 -17.28 -8.89
C ILE A 160 -8.93 -16.48 -7.61
N PRO A 161 -7.69 -16.15 -7.21
CA PRO A 161 -7.54 -15.27 -6.04
C PRO A 161 -8.13 -13.90 -6.23
N ILE A 162 -8.15 -13.34 -7.44
CA ILE A 162 -8.76 -12.02 -7.64
C ILE A 162 -10.26 -12.09 -7.40
N PHE A 163 -10.92 -13.10 -7.97
CA PHE A 163 -12.36 -13.24 -7.74
C PHE A 163 -12.66 -13.53 -6.28
N ALA A 164 -11.85 -14.40 -5.66
CA ALA A 164 -12.04 -14.67 -4.23
C ALA A 164 -11.84 -13.41 -3.40
N GLY A 165 -10.90 -12.54 -3.83
CA GLY A 165 -10.70 -11.29 -3.13
C GLY A 165 -11.90 -10.37 -3.24
N PHE A 166 -12.48 -10.29 -4.44
CA PHE A 166 -13.68 -9.46 -4.59
C PHE A 166 -14.82 -9.99 -3.72
N CYS A 167 -15.00 -11.31 -3.70
CA CYS A 167 -16.06 -11.90 -2.88
C CYS A 167 -15.83 -11.63 -1.39
N ILE A 168 -14.60 -11.89 -0.91
CA ILE A 168 -14.33 -11.72 0.51
C ILE A 168 -14.33 -10.24 0.89
N MET A 169 -13.98 -9.35 -0.04
CA MET A 169 -14.05 -7.92 0.25
C MET A 169 -15.48 -7.45 0.35
N PHE A 170 -16.36 -7.94 -0.52
CA PHE A 170 -17.78 -7.61 -0.40
C PHE A 170 -18.35 -8.13 0.90
N VAL A 171 -17.98 -9.36 1.28
CA VAL A 171 -18.45 -9.93 2.54
C VAL A 171 -17.94 -9.09 3.72
N SER A 172 -16.68 -8.69 3.66
CA SER A 172 -16.10 -7.87 4.73
C SER A 172 -16.79 -6.52 4.83
N THR A 173 -17.08 -5.90 3.69
CA THR A 173 -17.78 -4.61 3.71
C THR A 173 -19.17 -4.75 4.30
N ILE A 174 -19.91 -5.80 3.91
CA ILE A 174 -21.26 -5.98 4.42
C ILE A 174 -21.23 -6.22 5.92
N MET A 175 -20.33 -7.11 6.38
CA MET A 175 -20.23 -7.38 7.81
C MET A 175 -19.78 -6.16 8.59
N PHE A 176 -18.87 -5.37 8.02
CA PHE A 176 -18.41 -4.15 8.67
C PHE A 176 -19.55 -3.15 8.82
N ALA A 177 -20.37 -3.00 7.79
CA ALA A 177 -21.53 -2.13 7.88
C ALA A 177 -22.50 -2.61 8.95
N PHE A 178 -22.78 -3.92 8.97
CA PHE A 178 -23.69 -4.49 9.95
C PHE A 178 -22.91 -5.06 11.13
N SER A 179 -22.13 -4.19 11.78
CA SER A 179 -21.26 -4.58 12.88
C SER A 179 -21.55 -3.74 14.10
N SER A 180 -21.73 -4.41 15.25
CA SER A 180 -21.92 -3.73 16.53
C SER A 180 -20.88 -4.10 17.56
N SER A 181 -20.62 -5.39 17.76
CA SER A 181 -19.72 -5.82 18.83
C SER A 181 -18.27 -5.67 18.41
N TYR A 182 -17.39 -5.64 19.43
CA TYR A 182 -15.96 -5.47 19.18
C TYR A 182 -15.40 -6.64 18.38
N ALA A 183 -15.85 -7.86 18.69
CA ALA A 183 -15.43 -9.02 17.92
C ALA A 183 -15.88 -8.93 16.47
N PHE A 184 -17.02 -8.28 16.22
CA PHE A 184 -17.43 -8.03 14.85
C PHE A 184 -16.42 -7.13 14.12
N LEU A 185 -15.93 -6.10 14.82
CA LEU A 185 -14.88 -5.26 14.25
C LEU A 185 -13.62 -6.07 13.96
N LEU A 186 -13.22 -6.95 14.90
CA LEU A 186 -12.01 -7.74 14.70
C LEU A 186 -12.16 -8.71 13.52
N ILE A 187 -13.30 -9.38 13.41
CA ILE A 187 -13.48 -10.33 12.32
C ILE A 187 -13.60 -9.60 10.99
N ALA A 188 -14.20 -8.40 11.00
CA ALA A 188 -14.23 -7.58 9.79
C ALA A 188 -12.82 -7.19 9.38
N ARG A 189 -11.98 -6.83 10.35
CA ARG A 189 -10.59 -6.51 10.05
C ARG A 189 -9.84 -7.71 9.50
N SER A 190 -10.08 -8.90 10.05
CA SER A 190 -9.39 -10.09 9.57
C SER A 190 -9.78 -10.41 8.14
N LEU A 191 -11.08 -10.37 7.84
CA LEU A 191 -11.52 -10.57 6.46
C LEU A 191 -10.99 -9.48 5.54
N GLN A 192 -10.89 -8.25 6.05
CA GLN A 192 -10.32 -7.16 5.29
C GLN A 192 -8.88 -7.45 4.92
N GLY A 193 -8.10 -7.96 5.89
CA GLY A 193 -6.72 -8.31 5.61
C GLY A 193 -6.60 -9.44 4.60
N ILE A 194 -7.43 -10.48 4.73
CA ILE A 194 -7.40 -11.57 3.76
C ILE A 194 -7.67 -11.02 2.36
N GLY A 195 -8.70 -10.18 2.24
CA GLY A 195 -9.05 -9.64 0.94
C GLY A 195 -7.96 -8.76 0.37
N SER A 196 -7.40 -7.87 1.20
CA SER A 196 -6.34 -6.98 0.73
C SER A 196 -5.14 -7.79 0.24
N SER A 197 -4.73 -8.78 1.02
CA SER A 197 -3.58 -9.61 0.64
C SER A 197 -3.82 -10.30 -0.69
N CYS A 198 -4.90 -11.06 -0.78
CA CYS A 198 -5.13 -11.84 -1.99
C CYS A 198 -5.33 -10.95 -3.20
N SER A 199 -6.13 -9.88 -3.05
CA SER A 199 -6.37 -8.98 -4.18
C SER A 199 -5.08 -8.33 -4.65
N SER A 200 -4.29 -7.75 -3.72
CA SER A 200 -3.09 -7.05 -4.12
C SER A 200 -2.06 -8.00 -4.74
N VAL A 201 -1.80 -9.13 -4.08
CA VAL A 201 -0.77 -10.05 -4.56
C VAL A 201 -1.18 -10.62 -5.91
N ALA A 202 -2.41 -11.10 -6.03
CA ALA A 202 -2.86 -11.69 -7.29
C ALA A 202 -2.91 -10.66 -8.40
N GLY A 203 -3.36 -9.44 -8.11
CA GLY A 203 -3.40 -8.42 -9.13
C GLY A 203 -2.02 -8.04 -9.62
N MET A 204 -1.07 -7.87 -8.71
CA MET A 204 0.30 -7.57 -9.11
C MET A 204 0.89 -8.70 -9.93
N GLY A 205 0.65 -9.95 -9.50
CA GLY A 205 1.18 -11.09 -10.25
C GLY A 205 0.60 -11.18 -11.64
N MET A 206 -0.72 -11.03 -11.76
CA MET A 206 -1.36 -11.09 -13.07
C MET A 206 -0.89 -9.94 -13.96
N LEU A 207 -0.75 -8.75 -13.39
CA LEU A 207 -0.30 -7.60 -14.17
C LEU A 207 1.13 -7.80 -14.65
N ALA A 208 1.98 -8.41 -13.82
CA ALA A 208 3.34 -8.72 -14.26
C ALA A 208 3.33 -9.80 -15.34
N SER A 209 2.46 -10.79 -15.21
CA SER A 209 2.42 -11.89 -16.17
C SER A 209 1.95 -11.41 -17.54
N VAL A 210 0.92 -10.55 -17.56
CA VAL A 210 0.36 -10.12 -18.84
C VAL A 210 1.32 -9.20 -19.59
N TYR A 211 2.07 -8.37 -18.87
CA TYR A 211 2.94 -7.37 -19.47
C TYR A 211 4.38 -7.65 -19.09
N THR A 212 5.21 -7.93 -20.10
CA THR A 212 6.59 -8.36 -19.89
C THR A 212 7.62 -7.27 -20.18
N ASP A 213 7.42 -6.48 -21.23
CA ASP A 213 8.38 -5.46 -21.61
C ASP A 213 8.51 -4.41 -20.50
N ASP A 214 9.76 -4.07 -20.16
CA ASP A 214 10.03 -3.30 -18.95
C ASP A 214 9.41 -1.91 -19.01
N GLU A 215 9.46 -1.26 -20.17
CA GLU A 215 8.87 0.08 -20.29
C GLU A 215 7.38 0.05 -19.94
N GLU A 216 6.60 -0.72 -20.70
CA GLU A 216 5.17 -0.78 -20.46
C GLU A 216 4.85 -1.38 -19.09
N ARG A 217 5.67 -2.31 -18.61
CA ARG A 217 5.42 -2.92 -17.32
C ARG A 217 5.57 -1.91 -16.20
N GLY A 218 6.64 -1.12 -16.23
CA GLY A 218 6.79 -0.03 -15.28
C GLY A 218 5.66 0.98 -15.40
N ASN A 219 5.26 1.29 -16.63
CA ASN A 219 4.15 2.22 -16.83
C ASN A 219 2.88 1.73 -16.15
N VAL A 220 2.51 0.47 -16.41
CA VAL A 220 1.25 -0.04 -15.91
C VAL A 220 1.29 -0.25 -14.41
N MET A 221 2.44 -0.66 -13.86
CA MET A 221 2.52 -0.77 -12.41
C MET A 221 2.48 0.59 -11.74
N GLY A 222 3.06 1.61 -12.36
CA GLY A 222 2.90 2.96 -11.83
C GLY A 222 1.47 3.43 -11.86
N ILE A 223 0.78 3.21 -12.99
CA ILE A 223 -0.61 3.63 -13.10
C ILE A 223 -1.47 2.90 -12.07
N ALA A 224 -1.25 1.59 -11.92
CA ALA A 224 -2.02 0.82 -10.95
C ALA A 224 -1.74 1.25 -9.53
N LEU A 225 -0.46 1.50 -9.20
CA LEU A 225 -0.11 1.92 -7.86
C LEU A 225 -0.56 3.34 -7.56
N GLY A 226 -0.88 4.11 -8.61
CA GLY A 226 -1.55 5.39 -8.39
C GLY A 226 -2.87 5.25 -7.67
N GLY A 227 -3.52 4.09 -7.75
CA GLY A 227 -4.70 3.85 -6.95
C GLY A 227 -4.42 3.89 -5.46
N LEU A 228 -3.22 3.48 -5.05
CA LEU A 228 -2.87 3.52 -3.63
C LEU A 228 -2.89 4.94 -3.09
N ALA A 229 -2.67 5.93 -3.94
CA ALA A 229 -2.81 7.32 -3.54
C ALA A 229 -4.23 7.83 -3.75
N MET A 230 -4.87 7.43 -4.86
CA MET A 230 -6.21 7.92 -5.16
C MET A 230 -7.21 7.52 -4.08
N GLY A 231 -7.09 6.28 -3.59
CA GLY A 231 -8.03 5.81 -2.58
C GLY A 231 -7.93 6.59 -1.29
N VAL A 232 -6.72 6.79 -0.80
CA VAL A 232 -6.56 7.52 0.45
C VAL A 232 -6.82 9.01 0.25
N LEU A 233 -6.69 9.51 -0.98
CA LEU A 233 -7.01 10.91 -1.23
C LEU A 233 -8.51 11.15 -1.21
N VAL A 234 -9.28 10.26 -1.85
CA VAL A 234 -10.73 10.46 -1.92
C VAL A 234 -11.49 9.79 -0.77
N GLY A 235 -10.79 9.07 0.11
CA GLY A 235 -11.42 8.44 1.24
C GLY A 235 -12.10 9.37 2.22
N PRO A 236 -11.32 10.23 2.89
CA PRO A 236 -11.87 11.05 3.97
C PRO A 236 -13.04 11.92 3.55
N PRO A 237 -12.97 12.70 2.45
CA PRO A 237 -14.12 13.60 2.20
C PRO A 237 -15.38 12.86 1.79
N PHE A 238 -15.25 11.86 0.91
CA PHE A 238 -16.40 11.05 0.50
C PHE A 238 -17.02 10.34 1.69
N GLY A 239 -16.19 9.69 2.51
CA GLY A 239 -16.71 9.01 3.69
C GLY A 239 -17.38 9.96 4.66
N SER A 240 -16.76 11.13 4.89
CA SER A 240 -17.33 12.08 5.83
C SER A 240 -18.66 12.62 5.36
N VAL A 241 -18.77 12.98 4.07
CA VAL A 241 -20.02 13.56 3.61
C VAL A 241 -21.13 12.52 3.59
N LEU A 242 -20.82 11.29 3.17
CA LEU A 242 -21.87 10.27 3.18
C LEU A 242 -22.24 9.84 4.60
N TYR A 243 -21.29 9.94 5.55
CA TYR A 243 -21.59 9.57 6.91
C TYR A 243 -22.43 10.63 7.61
N GLU A 244 -22.11 11.91 7.38
CA GLU A 244 -22.77 13.00 8.10
C GLU A 244 -23.95 13.58 7.35
N PHE A 245 -24.23 13.12 6.13
CA PHE A 245 -25.37 13.66 5.39
C PHE A 245 -26.63 12.81 5.56
N VAL A 246 -26.55 11.52 5.23
CA VAL A 246 -27.73 10.67 5.12
C VAL A 246 -27.74 9.57 6.17
N GLY A 247 -26.59 9.00 6.50
CA GLY A 247 -26.57 7.94 7.51
C GLY A 247 -25.17 7.40 7.69
N LYS A 248 -25.01 6.64 8.77
CA LYS A 248 -23.70 6.06 9.10
C LYS A 248 -23.37 4.89 8.18
N THR A 249 -24.34 4.01 7.92
CA THR A 249 -24.11 2.84 7.10
C THR A 249 -24.26 3.11 5.60
N ALA A 250 -24.75 4.30 5.25
CA ALA A 250 -24.90 4.63 3.83
C ALA A 250 -23.59 4.66 3.05
N PRO A 251 -22.48 5.24 3.55
CA PRO A 251 -21.23 5.13 2.77
C PRO A 251 -20.80 3.70 2.52
N PHE A 252 -20.96 2.83 3.51
CA PHE A 252 -20.62 1.43 3.33
C PHE A 252 -21.54 0.77 2.32
N LEU A 253 -22.84 1.10 2.35
CA LEU A 253 -23.76 0.53 1.38
C LEU A 253 -23.43 0.96 -0.04
N VAL A 254 -23.14 2.25 -0.24
CA VAL A 254 -22.80 2.74 -1.58
C VAL A 254 -21.47 2.14 -2.04
N LEU A 255 -20.52 2.00 -1.13
CA LEU A 255 -19.26 1.37 -1.46
C LEU A 255 -19.45 -0.09 -1.86
N ALA A 256 -20.33 -0.81 -1.14
CA ALA A 256 -20.62 -2.19 -1.49
C ALA A 256 -21.29 -2.27 -2.85
N ALA A 257 -22.16 -1.31 -3.15
CA ALA A 257 -22.77 -1.25 -4.48
C ALA A 257 -21.70 -1.06 -5.56
N LEU A 258 -20.72 -0.19 -5.31
CA LEU A 258 -19.65 0.01 -6.27
C LEU A 258 -18.80 -1.25 -6.43
N VAL A 259 -18.52 -1.93 -5.32
CA VAL A 259 -17.73 -3.16 -5.38
C VAL A 259 -18.48 -4.24 -6.17
N LEU A 260 -19.79 -4.35 -5.96
CA LEU A 260 -20.58 -5.29 -6.74
C LEU A 260 -20.62 -4.89 -8.21
N LEU A 261 -20.66 -3.59 -8.49
CA LEU A 261 -20.64 -3.12 -9.87
C LEU A 261 -19.34 -3.52 -10.56
N ASP A 262 -18.21 -3.41 -9.86
CA ASP A 262 -16.96 -3.83 -10.48
C ASP A 262 -16.83 -5.35 -10.54
N GLY A 263 -17.46 -6.06 -9.61
CA GLY A 263 -17.49 -7.50 -9.70
C GLY A 263 -18.35 -8.02 -10.82
N ALA A 264 -19.36 -7.25 -11.23
CA ALA A 264 -20.16 -7.62 -12.39
C ALA A 264 -19.31 -7.69 -13.65
N ILE A 265 -18.46 -6.68 -13.85
CA ILE A 265 -17.46 -6.73 -14.93
C ILE A 265 -16.28 -7.55 -14.41
N GLN A 266 -15.33 -7.84 -15.30
CA GLN A 266 -14.15 -8.69 -15.07
C GLN A 266 -14.51 -10.07 -14.52
N LEU A 267 -15.78 -10.44 -14.59
CA LEU A 267 -16.21 -11.80 -14.29
C LEU A 267 -16.36 -12.62 -15.56
N PHE A 268 -17.04 -12.07 -16.57
CA PHE A 268 -17.06 -12.71 -17.88
C PHE A 268 -15.75 -12.50 -18.63
N VAL A 269 -15.08 -11.37 -18.40
CA VAL A 269 -13.82 -11.09 -19.08
C VAL A 269 -12.73 -12.04 -18.61
N LEU A 270 -12.59 -12.19 -17.29
CA LEU A 270 -11.57 -13.07 -16.74
C LEU A 270 -11.98 -14.53 -16.77
N GLN A 271 -13.29 -14.81 -16.83
CA GLN A 271 -13.92 -16.14 -16.80
C GLN A 271 -13.21 -17.10 -15.86
N PRO A 272 -13.24 -16.84 -14.54
CA PRO A 272 -12.52 -17.69 -13.60
C PRO A 272 -13.29 -18.97 -13.25
N SER A 273 -14.26 -19.34 -14.07
CA SER A 273 -15.07 -20.52 -13.78
C SER A 273 -14.23 -21.79 -13.73
N ARG A 274 -13.10 -21.82 -14.42
CA ARG A 274 -12.25 -22.99 -14.48
C ARG A 274 -10.84 -22.66 -13.99
N VAL A 275 -10.26 -23.59 -13.23
CA VAL A 275 -8.91 -23.43 -12.72
C VAL A 275 -7.90 -23.69 -13.83
N GLN A 276 -6.87 -22.86 -13.91
CA GLN A 276 -5.82 -22.99 -14.91
C GLN A 276 -4.45 -22.86 -14.24
N PRO A 277 -3.76 -23.96 -14.00
CA PRO A 277 -2.46 -23.90 -13.32
C PRO A 277 -1.40 -23.28 -14.21
N GLU A 278 -0.32 -22.83 -13.57
CA GLU A 278 0.75 -22.14 -14.27
C GLU A 278 1.49 -23.09 -15.22
N SER A 279 2.03 -22.51 -16.29
CA SER A 279 2.75 -23.30 -17.29
C SER A 279 4.01 -23.93 -16.70
N GLN A 280 4.72 -23.20 -15.84
CA GLN A 280 5.96 -23.67 -15.26
C GLN A 280 5.90 -23.53 -13.74
N LYS A 281 6.57 -24.46 -13.05
CA LYS A 281 6.64 -24.40 -11.61
C LYS A 281 7.50 -23.20 -11.17
N GLY A 282 7.02 -22.50 -10.15
CA GLY A 282 7.73 -21.33 -9.67
C GLY A 282 8.81 -21.68 -8.66
N THR A 283 9.69 -20.70 -8.43
CA THR A 283 10.73 -20.88 -7.44
C THR A 283 10.12 -20.89 -6.03
N PRO A 284 10.69 -21.67 -5.12
CA PRO A 284 10.21 -21.65 -3.73
C PRO A 284 10.50 -20.30 -3.08
N LEU A 285 9.65 -19.94 -2.12
CA LEU A 285 9.84 -18.69 -1.41
C LEU A 285 11.12 -18.66 -0.61
N THR A 286 11.61 -19.83 -0.16
CA THR A 286 12.80 -19.87 0.68
C THR A 286 14.02 -19.35 -0.08
N THR A 287 14.20 -19.77 -1.34
CA THR A 287 15.38 -19.35 -2.08
C THR A 287 15.31 -17.89 -2.49
N LEU A 288 14.09 -17.33 -2.62
CA LEU A 288 13.97 -15.90 -2.89
C LEU A 288 14.43 -15.09 -1.70
N LEU A 289 14.15 -15.57 -0.48
CA LEU A 289 14.58 -14.89 0.73
C LEU A 289 16.07 -15.06 0.99
N LYS A 290 16.77 -15.88 0.20
CA LYS A 290 18.22 -15.97 0.26
C LYS A 290 18.92 -15.16 -0.81
N ASP A 291 18.16 -14.40 -1.61
CA ASP A 291 18.74 -13.63 -2.71
C ASP A 291 19.05 -12.22 -2.24
N PRO A 292 20.30 -11.77 -2.26
CA PRO A 292 20.63 -10.44 -1.72
C PRO A 292 19.92 -9.30 -2.42
N TYR A 293 19.71 -9.39 -3.73
CA TYR A 293 19.12 -8.28 -4.45
C TYR A 293 17.64 -8.12 -4.10
N ILE A 294 16.91 -9.22 -4.04
CA ILE A 294 15.50 -9.18 -3.65
C ILE A 294 15.37 -8.68 -2.21
N LEU A 295 16.26 -9.13 -1.33
CA LEU A 295 16.24 -8.67 0.06
C LEU A 295 16.51 -7.19 0.17
N ILE A 296 17.47 -6.67 -0.60
CA ILE A 296 17.77 -5.24 -0.57
C ILE A 296 16.56 -4.46 -1.07
N ALA A 297 15.93 -4.93 -2.15
CA ALA A 297 14.77 -4.22 -2.68
C ALA A 297 13.62 -4.22 -1.69
N ALA A 298 13.34 -5.38 -1.08
CA ALA A 298 12.27 -5.44 -0.09
C ALA A 298 12.57 -4.57 1.11
N GLY A 299 13.81 -4.56 1.57
CA GLY A 299 14.16 -3.74 2.72
C GLY A 299 14.03 -2.26 2.46
N SER A 300 14.46 -1.82 1.27
CA SER A 300 14.34 -0.40 0.94
C SER A 300 12.87 0.01 0.81
N ILE A 301 12.07 -0.82 0.14
CA ILE A 301 10.64 -0.53 0.04
C ILE A 301 10.01 -0.49 1.43
N CYS A 302 10.41 -1.43 2.30
CA CYS A 302 9.89 -1.47 3.66
C CYS A 302 10.22 -0.21 4.43
N PHE A 303 11.47 0.25 4.35
CA PHE A 303 11.86 1.43 5.11
C PHE A 303 11.19 2.69 4.56
N ALA A 304 11.08 2.79 3.23
CA ALA A 304 10.37 3.92 2.64
C ALA A 304 8.94 3.99 3.12
N ASN A 305 8.20 2.87 3.03
CA ASN A 305 6.82 2.89 3.49
C ASN A 305 6.74 3.01 5.01
N MET A 306 7.78 2.58 5.72
CA MET A 306 7.86 2.69 7.17
C MET A 306 7.89 4.15 7.59
N GLY A 307 8.59 4.98 6.84
CA GLY A 307 8.61 6.40 7.17
C GLY A 307 7.23 7.01 7.20
N ILE A 308 6.43 6.73 6.16
CA ILE A 308 5.07 7.25 6.11
C ILE A 308 4.19 6.60 7.17
N ALA A 309 4.35 5.29 7.38
CA ALA A 309 3.55 4.59 8.38
C ALA A 309 3.83 5.13 9.78
N MET A 310 5.07 5.53 10.06
CA MET A 310 5.39 6.15 11.34
C MET A 310 4.83 7.56 11.42
N LEU A 311 4.89 8.31 10.32
CA LEU A 311 4.42 9.69 10.34
C LEU A 311 2.90 9.78 10.49
N GLU A 312 2.17 8.76 10.05
CA GLU A 312 0.71 8.86 9.99
C GLU A 312 0.06 9.07 11.35
N PRO A 313 0.36 8.30 12.42
CA PRO A 313 -0.30 8.56 13.70
C PRO A 313 0.43 9.58 14.56
N ALA A 314 1.75 9.71 14.35
CA ALA A 314 2.54 10.55 15.23
C ALA A 314 2.34 12.04 14.97
N LEU A 315 2.11 12.42 13.71
CA LEU A 315 1.92 13.84 13.40
C LEU A 315 0.70 14.44 14.07
N PRO A 316 -0.50 13.85 14.01
CA PRO A 316 -1.64 14.48 14.70
C PRO A 316 -1.47 14.59 16.20
N ILE A 317 -0.73 13.68 16.84
CA ILE A 317 -0.57 13.70 18.28
C ILE A 317 0.66 14.52 18.65
N TRP A 318 1.16 15.29 17.69
CA TRP A 318 2.29 16.19 17.91
C TRP A 318 1.95 17.65 17.72
N MET A 319 1.16 18.00 16.70
CA MET A 319 0.83 19.41 16.47
C MET A 319 -0.02 19.97 17.61
N MET A 320 -0.88 19.14 18.19
CA MET A 320 -1.62 19.58 19.38
C MET A 320 -0.68 19.82 20.55
N GLU A 321 0.46 19.14 20.58
CA GLU A 321 1.37 19.26 21.72
C GLU A 321 2.14 20.58 21.70
N THR A 322 2.65 21.00 20.54
CA THR A 322 3.57 22.13 20.53
C THR A 322 3.09 23.33 19.72
N MET A 323 2.49 23.16 18.54
CA MET A 323 1.91 24.32 17.88
C MET A 323 0.44 24.54 18.23
N CYS A 324 -0.17 23.63 18.98
CA CYS A 324 -1.54 23.79 19.46
C CYS A 324 -2.52 24.03 18.30
N SER A 325 -2.36 23.27 17.24
CA SER A 325 -3.22 23.43 16.08
C SER A 325 -4.63 22.89 16.37
N ARG A 326 -5.59 23.35 15.58
CA ARG A 326 -6.97 22.96 15.75
C ARG A 326 -7.28 21.70 14.94
N LYS A 327 -8.50 21.20 15.12
CA LYS A 327 -8.91 19.98 14.41
C LYS A 327 -9.10 20.21 12.92
N TRP A 328 -9.25 21.47 12.49
CA TRP A 328 -9.43 21.75 11.07
C TRP A 328 -8.15 21.50 10.29
N GLN A 329 -6.99 21.64 10.93
CA GLN A 329 -5.72 21.47 10.25
C GLN A 329 -5.17 20.04 10.33
N LEU A 330 -5.82 19.16 11.10
CA LEU A 330 -5.30 17.81 11.28
C LEU A 330 -5.25 17.06 9.95
N GLY A 331 -6.36 17.06 9.21
CA GLY A 331 -6.37 16.42 7.90
C GLY A 331 -5.51 17.16 6.90
N VAL A 332 -5.50 18.49 6.97
CA VAL A 332 -4.77 19.29 5.98
C VAL A 332 -3.27 19.06 6.08
N ALA A 333 -2.77 18.83 7.30
CA ALA A 333 -1.33 18.61 7.47
C ALA A 333 -0.85 17.39 6.70
N PHE A 334 -1.63 16.30 6.71
CA PHE A 334 -1.26 15.08 6.01
C PHE A 334 -1.82 15.03 4.59
N LEU A 335 -2.67 15.99 4.20
CA LEU A 335 -3.25 15.98 2.86
C LEU A 335 -2.22 15.99 1.74
N PRO A 336 -1.19 16.86 1.73
CA PRO A 336 -0.32 16.94 0.53
C PRO A 336 0.44 15.66 0.22
N ALA A 337 0.60 14.76 1.19
CA ALA A 337 1.34 13.53 0.94
C ALA A 337 0.67 12.67 -0.12
N SER A 338 -0.66 12.59 -0.07
CA SER A 338 -1.38 11.79 -1.06
C SER A 338 -1.20 12.34 -2.47
N ILE A 339 -1.33 13.67 -2.62
CA ILE A 339 -1.17 14.29 -3.94
C ILE A 339 0.26 14.06 -4.44
N SER A 340 1.25 14.24 -3.57
CA SER A 340 2.63 14.05 -3.98
C SER A 340 2.89 12.62 -4.39
N TYR A 341 2.38 11.66 -3.63
CA TYR A 341 2.58 10.25 -3.95
C TYR A 341 1.93 9.91 -5.28
N LEU A 342 0.72 10.43 -5.51
CA LEU A 342 0.04 10.19 -6.78
C LEU A 342 0.84 10.76 -7.95
N ILE A 343 1.30 12.00 -7.82
CA ILE A 343 2.03 12.65 -8.92
C ILE A 343 3.32 11.89 -9.22
N GLY A 344 4.08 11.57 -8.18
CA GLY A 344 5.34 10.87 -8.39
C GLY A 344 5.13 9.48 -8.98
N THR A 345 4.16 8.73 -8.45
CA THR A 345 3.92 7.39 -8.95
C THR A 345 3.44 7.42 -10.40
N ASN A 346 2.65 8.44 -10.76
CA ASN A 346 2.12 8.50 -12.11
C ASN A 346 3.17 8.94 -13.13
N ILE A 347 4.09 9.83 -12.75
CA ILE A 347 5.03 10.34 -13.75
C ILE A 347 6.35 9.56 -13.78
N PHE A 348 6.86 9.08 -12.64
CA PHE A 348 8.11 8.35 -12.72
C PHE A 348 7.92 6.90 -13.11
N GLY A 349 6.68 6.43 -13.27
CA GLY A 349 6.47 5.15 -13.92
C GLY A 349 7.01 5.12 -15.34
N ILE A 350 7.08 6.28 -16.00
CA ILE A 350 7.72 6.39 -17.31
C ILE A 350 9.09 7.04 -17.19
N LEU A 351 9.28 7.93 -16.20
CA LEU A 351 10.60 8.57 -16.11
C LEU A 351 11.68 7.66 -15.54
N ALA A 352 11.31 6.60 -14.81
CA ALA A 352 12.28 5.87 -14.01
C ALA A 352 13.21 5.02 -14.89
N HIS A 353 12.64 4.28 -15.84
CA HIS A 353 13.49 3.44 -16.67
C HIS A 353 14.35 4.28 -17.60
N LYS A 354 13.84 5.43 -18.05
CA LYS A 354 14.65 6.35 -18.83
C LYS A 354 15.80 6.91 -18.01
N MET A 355 15.55 7.24 -16.74
CA MET A 355 16.59 7.84 -15.92
C MET A 355 17.45 6.78 -15.24
N GLY A 356 16.86 5.66 -14.84
CA GLY A 356 17.59 4.62 -14.15
C GLY A 356 16.92 4.20 -12.86
N ARG A 357 16.66 2.91 -12.72
CA ARG A 357 15.89 2.42 -11.57
C ARG A 357 16.66 2.61 -10.27
N TRP A 358 17.93 2.18 -10.24
CA TRP A 358 18.71 2.26 -9.02
C TRP A 358 18.94 3.71 -8.60
N LEU A 359 19.26 4.57 -9.56
CA LEU A 359 19.48 5.98 -9.25
C LEU A 359 18.19 6.65 -8.76
N CYS A 360 17.06 6.30 -9.37
CA CYS A 360 15.78 6.84 -8.92
C CYS A 360 15.48 6.41 -7.50
N ALA A 361 15.72 5.13 -7.18
CA ALA A 361 15.49 4.65 -5.82
C ALA A 361 16.39 5.35 -4.83
N LEU A 362 17.67 5.53 -5.19
CA LEU A 362 18.59 6.21 -4.28
C LEU A 362 18.17 7.66 -4.04
N LEU A 363 17.79 8.36 -5.11
CA LEU A 363 17.35 9.73 -4.98
C LEU A 363 16.09 9.82 -4.13
N GLY A 364 15.15 8.89 -4.33
CA GLY A 364 13.94 8.87 -3.52
C GLY A 364 14.23 8.66 -2.05
N MET A 365 15.14 7.72 -1.74
CA MET A 365 15.47 7.50 -0.34
C MET A 365 16.17 8.70 0.27
N ILE A 366 17.08 9.35 -0.47
CA ILE A 366 17.75 10.54 0.05
C ILE A 366 16.73 11.64 0.31
N ILE A 367 15.78 11.83 -0.61
CA ILE A 367 14.78 12.88 -0.42
C ILE A 367 13.88 12.55 0.77
N VAL A 368 13.54 11.26 0.95
CA VAL A 368 12.79 10.86 2.14
C VAL A 368 13.54 11.23 3.40
N GLY A 369 14.84 10.89 3.44
CA GLY A 369 15.62 11.17 4.62
C GLY A 369 15.71 12.65 4.94
N VAL A 370 16.02 13.46 3.94
CA VAL A 370 16.18 14.88 4.20
C VAL A 370 14.85 15.54 4.55
N SER A 371 13.75 15.09 3.92
CA SER A 371 12.46 15.67 4.22
C SER A 371 12.00 15.31 5.63
N ILE A 372 12.16 14.04 6.03
CA ILE A 372 11.78 13.65 7.38
C ILE A 372 12.67 14.35 8.39
N LEU A 373 13.95 14.56 8.07
CA LEU A 373 14.81 15.35 8.93
C LEU A 373 14.35 16.80 9.03
N CYS A 374 13.79 17.34 7.95
CA CYS A 374 13.32 18.72 7.94
C CYS A 374 12.02 18.89 8.70
N ILE A 375 11.19 17.85 8.79
CA ILE A 375 9.86 17.99 9.41
C ILE A 375 9.91 18.51 10.84
N PRO A 376 10.68 17.90 11.78
CA PRO A 376 10.45 18.22 13.20
C PRO A 376 10.76 19.65 13.61
N PHE A 377 11.90 20.21 13.19
CA PHE A 377 12.24 21.55 13.65
C PHE A 377 11.37 22.63 13.03
N ALA A 378 10.58 22.31 12.02
CA ALA A 378 9.58 23.26 11.52
C ALA A 378 8.50 23.47 12.58
N LYS A 379 7.98 24.70 12.65
CA LYS A 379 7.04 25.08 13.69
C LYS A 379 5.62 25.31 13.19
N ASN A 380 5.45 25.90 12.02
CA ASN A 380 4.12 26.19 11.49
C ASN A 380 3.74 25.22 10.38
N ILE A 381 2.43 25.18 10.09
CA ILE A 381 1.93 24.28 9.06
C ILE A 381 2.47 24.71 7.69
N TYR A 382 2.76 25.99 7.51
CA TYR A 382 3.36 26.46 6.26
C TYR A 382 4.73 25.82 6.06
N GLY A 383 5.51 25.71 7.13
CA GLY A 383 6.77 25.02 7.07
C GLY A 383 6.69 23.52 7.15
N LEU A 384 5.48 22.98 7.29
CA LEU A 384 5.27 21.54 7.32
C LEU A 384 4.70 21.00 6.01
N ILE A 385 4.04 21.84 5.22
CA ILE A 385 3.46 21.38 3.96
C ILE A 385 4.57 20.94 3.00
N ALA A 386 5.63 21.74 2.88
CA ALA A 386 6.69 21.43 1.92
C ALA A 386 7.42 20.12 2.23
N PRO A 387 7.89 19.86 3.45
CA PRO A 387 8.52 18.56 3.71
C PRO A 387 7.58 17.38 3.53
N ASN A 388 6.30 17.54 3.84
CA ASN A 388 5.34 16.48 3.57
C ASN A 388 5.20 16.23 2.08
N PHE A 389 5.18 17.31 1.28
CA PHE A 389 5.17 17.15 -0.17
C PHE A 389 6.41 16.39 -0.63
N GLY A 390 7.57 16.73 -0.08
CA GLY A 390 8.79 16.03 -0.46
C GLY A 390 8.77 14.56 -0.11
N VAL A 391 8.31 14.23 1.10
CA VAL A 391 8.32 12.83 1.52
C VAL A 391 7.32 12.03 0.70
N GLY A 392 6.15 12.60 0.41
CA GLY A 392 5.20 11.90 -0.43
C GLY A 392 5.73 11.68 -1.84
N PHE A 393 6.36 12.72 -2.41
CA PHE A 393 6.91 12.59 -3.75
C PHE A 393 8.01 11.54 -3.80
N ALA A 394 8.87 11.50 -2.79
CA ALA A 394 9.96 10.53 -2.81
C ALA A 394 9.45 9.11 -2.56
N ILE A 395 8.42 8.94 -1.74
CA ILE A 395 7.82 7.63 -1.58
C ILE A 395 7.22 7.17 -2.91
N GLY A 396 6.57 8.08 -3.62
CA GLY A 396 6.10 7.76 -4.96
C GLY A 396 7.23 7.38 -5.88
N MET A 397 8.36 8.09 -5.79
CA MET A 397 9.52 7.77 -6.60
C MET A 397 9.95 6.32 -6.37
N VAL A 398 10.15 5.98 -5.11
CA VAL A 398 10.67 4.65 -4.77
C VAL A 398 9.69 3.58 -5.19
N ASP A 399 8.41 3.75 -4.84
CA ASP A 399 7.44 2.70 -5.12
C ASP A 399 7.24 2.51 -6.62
N SER A 400 6.98 3.60 -7.35
CA SER A 400 6.73 3.50 -8.78
C SER A 400 7.95 3.04 -9.56
N SER A 401 9.15 3.33 -9.07
CA SER A 401 10.34 2.94 -9.80
C SER A 401 10.90 1.60 -9.35
N MET A 402 10.39 1.02 -8.28
CA MET A 402 11.04 -0.14 -7.73
C MET A 402 10.07 -1.29 -7.45
N MET A 403 8.77 -1.09 -7.66
CA MET A 403 7.86 -2.24 -7.76
C MET A 403 8.16 -3.12 -8.96
N PRO A 404 8.31 -2.61 -10.18
CA PRO A 404 8.58 -3.51 -11.32
C PRO A 404 9.97 -4.12 -11.29
N ILE A 405 10.90 -3.59 -10.51
CA ILE A 405 12.24 -4.14 -10.55
C ILE A 405 12.29 -5.49 -9.85
N MET A 406 11.36 -5.77 -8.95
CA MET A 406 11.28 -7.12 -8.38
C MET A 406 10.90 -8.13 -9.45
N GLY A 407 9.90 -7.80 -10.28
CA GLY A 407 9.58 -8.65 -11.40
C GLY A 407 10.74 -8.78 -12.37
N TYR A 408 11.46 -7.66 -12.59
CA TYR A 408 12.62 -7.70 -13.47
C TYR A 408 13.69 -8.66 -12.94
N LEU A 409 13.95 -8.61 -11.62
CA LEU A 409 14.95 -9.49 -11.03
C LEU A 409 14.53 -10.95 -11.12
N VAL A 410 13.28 -11.24 -10.76
CA VAL A 410 12.85 -12.64 -10.77
C VAL A 410 12.74 -13.15 -12.21
N ASP A 411 12.53 -12.26 -13.17
CA ASP A 411 12.52 -12.67 -14.57
C ASP A 411 13.92 -12.88 -15.11
N LEU A 412 14.90 -12.12 -14.62
CA LEU A 412 16.24 -12.17 -15.20
C LEU A 412 17.08 -13.28 -14.57
N ARG A 413 16.95 -13.52 -13.27
CA ARG A 413 17.80 -14.51 -12.62
C ARG A 413 17.00 -15.51 -11.79
N HIS A 414 15.79 -15.84 -12.23
CA HIS A 414 14.97 -16.86 -11.59
C HIS A 414 13.96 -17.37 -12.62
N VAL A 415 13.02 -18.18 -12.16
CA VAL A 415 11.96 -18.67 -13.02
C VAL A 415 10.94 -17.57 -13.23
N SER A 416 10.39 -17.48 -14.44
CA SER A 416 9.52 -16.37 -14.81
C SER A 416 8.16 -16.46 -14.14
N VAL A 417 8.14 -16.31 -12.82
CA VAL A 417 6.92 -16.21 -12.03
C VAL A 417 7.04 -15.00 -11.13
N TYR A 418 5.91 -14.40 -10.78
CA TYR A 418 5.92 -13.16 -10.03
C TYR A 418 5.06 -13.19 -8.77
N GLY A 419 4.29 -14.26 -8.55
CA GLY A 419 3.41 -14.29 -7.38
C GLY A 419 4.19 -14.21 -6.08
N SER A 420 5.23 -15.03 -5.94
CA SER A 420 5.96 -15.09 -4.68
C SER A 420 6.74 -13.80 -4.43
N VAL A 421 7.38 -13.25 -5.46
CA VAL A 421 8.17 -12.05 -5.26
C VAL A 421 7.27 -10.86 -4.95
N TYR A 422 6.10 -10.78 -5.59
CA TYR A 422 5.21 -9.69 -5.23
C TYR A 422 4.55 -9.94 -3.88
N ALA A 423 4.46 -11.20 -3.47
CA ALA A 423 4.03 -11.51 -2.10
C ALA A 423 5.04 -10.98 -1.09
N ILE A 424 6.33 -11.15 -1.34
CA ILE A 424 7.30 -10.62 -0.39
C ILE A 424 7.34 -9.09 -0.45
N ALA A 425 7.07 -8.51 -1.62
CA ALA A 425 6.95 -7.05 -1.69
C ALA A 425 5.79 -6.55 -0.83
N ASP A 426 4.63 -7.21 -0.93
CA ASP A 426 3.50 -6.82 -0.10
C ASP A 426 3.78 -7.11 1.38
N VAL A 427 4.58 -8.13 1.66
CA VAL A 427 5.04 -8.37 3.03
C VAL A 427 5.83 -7.18 3.54
N ALA A 428 6.70 -6.62 2.70
CA ALA A 428 7.43 -5.41 3.10
C ALA A 428 6.47 -4.26 3.37
N PHE A 429 5.59 -3.95 2.41
CA PHE A 429 4.52 -2.98 2.61
C PHE A 429 3.86 -3.11 3.97
N CYS A 430 3.29 -4.27 4.24
CA CYS A 430 2.39 -4.39 5.36
C CYS A 430 3.08 -4.75 6.67
N MET A 431 4.33 -5.20 6.65
CA MET A 431 5.08 -5.24 7.89
C MET A 431 5.44 -3.83 8.32
N GLY A 432 5.78 -2.97 7.35
CA GLY A 432 5.89 -1.55 7.67
C GLY A 432 4.59 -0.98 8.20
N TYR A 433 3.48 -1.29 7.54
CA TYR A 433 2.18 -0.79 7.97
C TYR A 433 1.77 -1.36 9.33
N ALA A 434 2.26 -2.54 9.69
CA ALA A 434 1.90 -3.15 10.96
C ALA A 434 2.69 -2.54 12.11
N ILE A 435 4.00 -2.38 11.94
CA ILE A 435 4.80 -1.85 13.04
C ILE A 435 4.92 -0.34 12.92
N GLY A 436 4.13 0.26 12.04
CA GLY A 436 4.05 1.70 11.97
C GLY A 436 3.35 2.35 13.15
N PRO A 437 2.02 2.18 13.23
CA PRO A 437 1.25 2.95 14.23
C PRO A 437 1.62 2.64 15.67
N SER A 438 1.52 1.37 16.08
CA SER A 438 1.70 1.02 17.48
C SER A 438 3.13 1.26 17.94
N ALA A 439 4.10 0.74 17.18
CA ALA A 439 5.51 0.92 17.56
C ALA A 439 5.92 2.38 17.50
N GLY A 440 5.44 3.11 16.48
CA GLY A 440 5.75 4.52 16.40
C GLY A 440 5.20 5.31 17.57
N GLY A 441 3.96 5.02 17.96
CA GLY A 441 3.40 5.68 19.14
C GLY A 441 4.17 5.35 20.40
N ALA A 442 4.58 4.09 20.56
CA ALA A 442 5.33 3.69 21.74
C ALA A 442 6.68 4.40 21.80
N ILE A 443 7.41 4.42 20.69
CA ILE A 443 8.73 5.05 20.69
C ILE A 443 8.61 6.56 20.78
N ALA A 444 7.52 7.15 20.28
CA ALA A 444 7.30 8.57 20.45
C ALA A 444 6.97 8.91 21.90
N LYS A 445 6.21 8.04 22.57
CA LYS A 445 5.93 8.25 23.99
C LYS A 445 7.19 8.14 24.83
N ALA A 446 8.05 7.17 24.52
CA ALA A 446 9.26 6.98 25.30
C ALA A 446 10.28 8.07 25.03
N ILE A 447 10.50 8.39 23.75
CA ILE A 447 11.53 9.32 23.32
C ILE A 447 10.89 10.36 22.42
N GLY A 448 11.35 11.61 22.52
CA GLY A 448 10.79 12.73 21.80
C GLY A 448 10.53 12.51 20.32
N PHE A 449 9.41 13.03 19.83
CA PHE A 449 9.05 12.90 18.41
C PHE A 449 10.11 13.44 17.46
N PRO A 450 10.75 14.60 17.71
CA PRO A 450 11.87 14.98 16.83
C PRO A 450 12.97 13.94 16.77
N TRP A 451 13.25 13.27 17.88
CA TRP A 451 14.22 12.18 17.85
C TRP A 451 13.74 11.05 16.96
N LEU A 452 12.44 10.78 16.95
CA LEU A 452 11.87 9.77 16.07
C LEU A 452 12.09 10.14 14.60
N MET A 453 11.81 11.39 14.25
CA MET A 453 12.08 11.85 12.88
C MET A 453 13.55 11.73 12.53
N THR A 454 14.44 12.14 13.44
CA THR A 454 15.86 12.09 13.15
C THR A 454 16.34 10.66 12.96
N ILE A 455 15.86 9.73 13.79
CA ILE A 455 16.34 8.35 13.68
C ILE A 455 15.80 7.71 12.41
N ILE A 456 14.55 7.98 12.02
CA ILE A 456 14.06 7.43 10.77
C ILE A 456 14.83 8.01 9.58
N GLY A 457 15.10 9.32 9.60
CA GLY A 457 15.89 9.91 8.54
C GLY A 457 17.29 9.33 8.47
N ILE A 458 17.91 9.07 9.63
CA ILE A 458 19.24 8.50 9.66
C ILE A 458 19.23 7.10 9.08
N ILE A 459 18.24 6.29 9.44
CA ILE A 459 18.15 4.93 8.89
C ILE A 459 17.95 4.99 7.38
N ASP A 460 17.07 5.87 6.91
CA ASP A 460 16.84 5.98 5.47
C ASP A 460 18.11 6.39 4.74
N ILE A 461 18.82 7.39 5.26
CA ILE A 461 20.04 7.88 4.62
C ILE A 461 21.11 6.79 4.62
N LEU A 462 21.26 6.08 5.73
CA LEU A 462 22.30 5.06 5.83
C LEU A 462 22.00 3.87 4.93
N PHE A 463 20.72 3.53 4.76
CA PHE A 463 20.38 2.39 3.91
C PHE A 463 20.36 2.77 2.43
N ALA A 464 20.19 4.06 2.12
CA ALA A 464 20.11 4.49 0.73
C ALA A 464 21.28 4.05 -0.16
N PRO A 465 22.55 4.14 0.26
CA PRO A 465 23.63 3.68 -0.64
C PRO A 465 23.56 2.21 -0.99
N LEU A 466 22.89 1.39 -0.18
CA LEU A 466 22.75 -0.03 -0.51
C LEU A 466 21.92 -0.28 -1.75
N CYS A 467 21.16 0.72 -2.23
CA CYS A 467 20.43 0.59 -3.48
C CYS A 467 21.34 0.63 -4.70
N PHE A 468 22.63 0.95 -4.53
CA PHE A 468 23.54 0.99 -5.67
C PHE A 468 23.75 -0.38 -6.29
N PHE A 469 23.59 -1.46 -5.52
CA PHE A 469 23.85 -2.79 -6.03
C PHE A 469 22.90 -3.20 -7.14
N LEU A 470 21.79 -2.48 -7.33
CA LEU A 470 20.81 -2.82 -8.35
C LEU A 470 21.13 -2.20 -9.70
N ARG A 471 22.32 -1.63 -9.86
CA ARG A 471 22.69 -1.00 -11.13
C ARG A 471 22.75 -2.04 -12.25
N SER A 472 23.36 -3.19 -11.99
CA SER A 472 23.48 -4.26 -12.99
C SER A 472 23.66 -5.58 -12.27
N PRO A 473 22.56 -6.19 -11.82
CA PRO A 473 22.66 -7.47 -11.13
C PRO A 473 23.07 -8.57 -12.09
N PRO A 474 23.96 -9.47 -11.68
CA PRO A 474 24.33 -10.60 -12.56
C PRO A 474 23.17 -11.55 -12.76
OH SRO B . -2.32 5.35 3.72
CZ3 SRO B . -1.39 6.22 3.14
CH2 SRO B . -1.68 7.56 3.03
CZ2 SRO B . -0.78 8.40 2.47
CE2 SRO B . 0.46 7.91 1.99
NE1 SRO B . 1.52 8.54 1.40
CD1 SRO B . 2.48 7.64 1.12
CG SRO B . 2.04 6.41 1.54
CD2 SRO B . 0.73 6.58 2.10
CE3 SRO B . -0.18 5.73 2.68
CB SRO B . 2.78 5.11 1.42
CA SRO B . 2.01 4.04 0.60
NZ SRO B . 2.86 3.42 -0.35
#